data_4U81
#
_entry.id   4U81
#
_cell.length_a   82.083
_cell.length_b   82.083
_cell.length_c   129.480
_cell.angle_alpha   90.00
_cell.angle_beta   90.00
_cell.angle_gamma   120.00
#
_symmetry.space_group_name_H-M   'P 62'
#
loop_
_entity.id
_entity.type
_entity.pdbx_description
1 polymer 'Dual specificity mitogen-activated protein kinase kinase 1'
2 non-polymer 'MAGNESIUM ION'
3 non-polymer 8-[(4-cyclopropyl-2-fluorophenyl)amino]-N-(2-hydroxyethoxy)imidazo[1,5-a]pyridine-7-carboxamide
4 non-polymer 'PHOSPHOAMINOPHOSPHONIC ACID-ADENYLATE ESTER'
5 water water
#
_entity_poly.entity_id   1
_entity_poly.type   'polypeptide(L)'
_entity_poly.pdbx_seq_one_letter_code
;MELKDDDFEKISELGAGNGGVVFKVSHKPSGLVMARKLIHLEIKPAIRNQIIRELQVLHECNSPYIVGFYGAFYSDGEIS
ICMEHMDGGSLDQVLKKAGRIPEQILGKVSIAVIKGLTYLREKHKIMHRDVKPSNILVNSRGEIKLCDFGVSGQLIDSMA
NSFVGTRSYMSPERLQGTHYSVQSDIWSMGLSLVEMAVGRYPIPPPDAKELELMFGCQVEGDAAETPPRPRTPGRPLSSY
GMDSRPPMAIFELLDYIVNEPPPKLPSGVFSLEFQDFVNKCLIKNPAERADLKQLMVHAFIKRSDAEEVDFAGWLCSTIG
LNQPSTPTHAAGVLQHHHHHH
;
_entity_poly.pdbx_strand_id   A
#
# COMPACT_ATOMS: atom_id res chain seq x y z
N MET A 1 25.27 -11.90 2.38
CA MET A 1 26.17 -10.93 2.97
C MET A 1 25.42 -10.05 3.97
N GLU A 2 26.04 -9.75 5.10
CA GLU A 2 25.37 -8.98 6.15
C GLU A 2 25.40 -7.49 5.84
N LEU A 3 24.38 -6.79 6.29
CA LEU A 3 24.33 -5.36 6.08
C LEU A 3 24.60 -4.65 7.42
N LYS A 4 25.34 -3.54 7.37
CA LYS A 4 25.61 -2.75 8.57
C LYS A 4 25.72 -1.24 8.25
N ASP A 5 25.62 -0.41 9.29
CA ASP A 5 25.49 1.04 9.10
C ASP A 5 26.65 1.70 8.34
N ASP A 6 27.88 1.22 8.54
CA ASP A 6 29.06 1.89 7.96
C ASP A 6 29.36 1.47 6.51
N ASP A 7 28.63 0.48 6.03
CA ASP A 7 28.78 0.04 4.65
C ASP A 7 27.84 0.80 3.71
N PHE A 8 27.16 1.82 4.21
CA PHE A 8 26.18 2.56 3.42
C PHE A 8 26.56 4.01 3.27
N GLU A 9 25.99 4.65 2.24
CA GLU A 9 26.24 6.05 1.94
C GLU A 9 24.95 6.65 1.41
N LYS A 10 24.50 7.74 2.04
CA LYS A 10 23.24 8.36 1.66
C LYS A 10 23.37 9.04 0.31
N ILE A 11 22.35 8.89 -0.53
CA ILE A 11 22.31 9.53 -1.84
C ILE A 11 21.31 10.69 -1.84
N SER A 12 20.05 10.38 -1.48
CA SER A 12 19.01 11.39 -1.26
C SER A 12 17.96 10.84 -0.30
N GLU A 13 16.96 11.66 0.04
CA GLU A 13 15.83 11.19 0.86
C GLU A 13 14.60 10.91 0.01
N LEU A 14 14.09 9.69 0.07
CA LEU A 14 12.93 9.29 -0.73
C LEU A 14 11.63 9.82 -0.15
N GLY A 15 11.62 10.03 1.15
CA GLY A 15 10.41 10.50 1.79
C GLY A 15 10.37 10.09 3.24
N ALA A 16 9.23 10.32 3.87
CA ALA A 16 9.06 10.04 5.29
C ALA A 16 7.60 10.08 5.64
N GLY A 17 7.26 9.42 6.74
CA GLY A 17 5.90 9.45 7.20
C GLY A 17 5.75 8.66 8.48
N ASN A 18 5.21 9.35 9.48
CA ASN A 18 4.74 8.73 10.72
C ASN A 18 5.54 7.54 11.24
N GLY A 19 6.72 7.83 11.78
CA GLY A 19 7.49 6.82 12.49
C GLY A 19 8.69 6.34 11.70
N GLY A 20 8.69 6.64 10.40
CA GLY A 20 9.77 6.22 9.54
C GLY A 20 10.26 7.26 8.57
N VAL A 21 11.53 7.14 8.22
CA VAL A 21 12.12 7.92 7.16
C VAL A 21 12.92 6.98 6.27
N VAL A 22 12.77 7.13 4.96
CA VAL A 22 13.50 6.24 4.08
C VAL A 22 14.41 7.00 3.13
N PHE A 23 15.62 6.47 2.98
CA PHE A 23 16.61 7.07 2.10
C PHE A 23 16.94 6.19 0.92
N LYS A 24 17.34 6.84 -0.17
CA LYS A 24 17.95 6.17 -1.30
C LYS A 24 19.44 6.12 -0.99
N VAL A 25 19.96 4.91 -0.83
CA VAL A 25 21.35 4.75 -0.42
C VAL A 25 22.13 3.82 -1.33
N SER A 26 23.46 3.98 -1.28
CA SER A 26 24.37 3.06 -1.97
C SER A 26 25.04 2.14 -0.94
N HIS A 27 24.95 0.85 -1.16
CA HIS A 27 25.64 -0.14 -0.33
C HIS A 27 27.03 -0.34 -0.93
N LYS A 28 28.04 0.31 -0.35
CA LYS A 28 29.37 0.37 -0.95
C LYS A 28 29.93 -0.99 -1.41
N PRO A 29 29.88 -2.01 -0.53
CA PRO A 29 30.52 -3.31 -0.81
C PRO A 29 29.95 -4.02 -2.04
N SER A 30 28.66 -3.86 -2.29
CA SER A 30 27.99 -4.58 -3.36
C SER A 30 27.79 -3.70 -4.58
N GLY A 31 27.73 -2.39 -4.34
CA GLY A 31 27.47 -1.42 -5.38
C GLY A 31 26.00 -1.15 -5.58
N LEU A 32 25.15 -1.90 -4.88
CA LEU A 32 23.72 -1.84 -5.08
C LEU A 32 23.05 -0.57 -4.57
N VAL A 33 22.10 -0.04 -5.33
CA VAL A 33 21.29 1.07 -4.83
C VAL A 33 20.09 0.48 -4.10
N MET A 34 19.87 0.92 -2.86
CA MET A 34 18.77 0.38 -2.06
C MET A 34 17.91 1.48 -1.49
N ALA A 35 16.74 1.10 -1.00
CA ALA A 35 15.94 2.01 -0.20
C ALA A 35 16.10 1.55 1.23
N ARG A 36 16.60 2.44 2.07
CA ARG A 36 16.83 2.13 3.47
C ARG A 36 15.85 2.88 4.35
N LYS A 37 14.94 2.12 4.97
CA LYS A 37 13.96 2.68 5.89
C LYS A 37 14.50 2.63 7.30
N LEU A 38 14.59 3.79 7.94
CA LEU A 38 14.97 3.87 9.35
C LEU A 38 13.74 4.07 10.24
N ILE A 39 13.62 3.26 11.28
CA ILE A 39 12.53 3.46 12.21
C ILE A 39 13.06 3.73 13.61
N HIS A 40 12.92 4.98 14.07
CA HIS A 40 13.33 5.38 15.42
C HIS A 40 12.54 4.68 16.52
N LEU A 41 13.21 3.92 17.36
CA LEU A 41 12.56 3.24 18.48
C LEU A 41 13.43 3.28 19.73
N GLU A 42 12.83 3.71 20.84
CA GLU A 42 13.47 3.64 22.14
C GLU A 42 13.07 2.30 22.75
N ILE A 43 13.94 1.31 22.64
CA ILE A 43 13.59 -0.06 23.00
C ILE A 43 14.78 -0.84 23.54
N LYS A 44 14.52 -1.84 24.37
CA LYS A 44 15.58 -2.62 24.99
C LYS A 44 16.14 -3.61 23.98
N PRO A 45 17.41 -3.97 24.16
CA PRO A 45 18.18 -4.84 23.25
C PRO A 45 17.55 -6.22 23.03
N ALA A 46 16.63 -6.62 23.91
CA ALA A 46 16.05 -7.96 23.84
C ALA A 46 14.99 -7.98 22.77
N ILE A 47 14.14 -6.97 22.80
CA ILE A 47 13.06 -6.89 21.83
C ILE A 47 13.60 -6.48 20.46
N ARG A 48 14.73 -5.77 20.44
CA ARG A 48 15.41 -5.44 19.19
C ARG A 48 15.80 -6.70 18.45
N ASN A 49 16.47 -7.61 19.16
CA ASN A 49 16.90 -8.85 18.54
C ASN A 49 15.73 -9.68 18.02
N GLN A 50 14.56 -9.48 18.61
CA GLN A 50 13.36 -10.22 18.21
C GLN A 50 12.80 -9.64 16.91
N ILE A 51 12.85 -8.30 16.83
CA ILE A 51 12.40 -7.58 15.65
C ILE A 51 13.27 -7.95 14.46
N ILE A 52 14.58 -7.92 14.67
CA ILE A 52 15.54 -8.29 13.63
C ILE A 52 15.29 -9.75 13.23
N ARG A 53 15.06 -10.58 14.24
CA ARG A 53 14.84 -12.00 14.03
C ARG A 53 13.55 -12.23 13.26
N GLU A 54 12.52 -11.45 13.57
CA GLU A 54 11.21 -11.58 12.94
C GLU A 54 11.21 -11.04 11.51
N LEU A 55 12.10 -10.09 11.25
CA LEU A 55 12.18 -9.48 9.93
C LEU A 55 12.87 -10.41 8.93
N GLN A 56 13.67 -11.34 9.44
CA GLN A 56 14.36 -12.31 8.58
C GLN A 56 13.45 -13.12 7.65
N VAL A 57 12.16 -13.19 7.95
CA VAL A 57 11.28 -13.91 7.01
C VAL A 57 11.16 -13.14 5.70
N LEU A 58 11.46 -11.85 5.73
CA LEU A 58 11.50 -11.07 4.49
C LEU A 58 12.43 -11.70 3.45
N HIS A 59 13.47 -12.40 3.92
CA HIS A 59 14.38 -13.09 2.99
C HIS A 59 13.66 -14.14 2.14
N GLU A 60 12.55 -14.64 2.64
CA GLU A 60 11.79 -15.63 1.88
C GLU A 60 10.49 -15.09 1.31
N CYS A 61 10.31 -13.77 1.37
CA CYS A 61 9.18 -13.13 0.70
C CYS A 61 9.54 -12.66 -0.70
N ASN A 62 9.50 -13.61 -1.63
CA ASN A 62 9.90 -13.36 -2.99
C ASN A 62 8.75 -13.54 -3.97
N SER A 63 8.37 -12.43 -4.59
CA SER A 63 7.19 -12.38 -5.44
C SER A 63 7.31 -11.16 -6.33
N PRO A 64 6.83 -11.26 -7.58
CA PRO A 64 6.88 -10.06 -8.42
C PRO A 64 5.97 -8.96 -7.89
N TYR A 65 5.14 -9.28 -6.91
CA TYR A 65 4.17 -8.33 -6.38
C TYR A 65 4.55 -7.89 -4.98
N ILE A 66 5.73 -8.30 -4.53
CA ILE A 66 6.22 -7.89 -3.22
C ILE A 66 7.59 -7.25 -3.36
N VAL A 67 7.75 -6.07 -2.78
CA VAL A 67 9.03 -5.37 -2.79
C VAL A 67 10.15 -6.24 -2.18
N GLY A 68 11.27 -6.35 -2.88
CA GLY A 68 12.35 -7.21 -2.47
C GLY A 68 13.05 -6.77 -1.22
N PHE A 69 13.62 -7.73 -0.49
CA PHE A 69 14.29 -7.49 0.78
C PHE A 69 15.78 -7.72 0.63
N TYR A 70 16.60 -6.82 1.19
CA TYR A 70 18.03 -7.07 1.23
C TYR A 70 18.45 -7.51 2.62
N GLY A 71 17.93 -6.83 3.65
CA GLY A 71 18.32 -7.16 5.00
C GLY A 71 17.93 -6.10 6.01
N ALA A 72 18.03 -6.49 7.28
CA ALA A 72 17.55 -5.69 8.38
C ALA A 72 18.57 -5.71 9.51
N PHE A 73 18.69 -4.59 10.22
CA PHE A 73 19.60 -4.52 11.36
C PHE A 73 19.27 -3.32 12.26
N TYR A 74 20.00 -3.19 13.38
CA TYR A 74 19.79 -2.09 14.31
C TYR A 74 21.05 -1.24 14.47
N SER A 75 20.90 0.08 14.46
CA SER A 75 22.03 1.00 14.51
C SER A 75 22.08 1.78 15.83
N ASP A 76 21.50 2.97 15.87
CA ASP A 76 21.47 3.71 17.15
C ASP A 76 20.10 4.33 17.43
N GLY A 77 19.25 3.56 18.08
CA GLY A 77 17.88 3.97 18.28
C GLY A 77 17.10 3.95 16.98
N GLU A 78 17.68 3.35 15.95
CA GLU A 78 17.03 3.17 14.65
C GLU A 78 17.07 1.70 14.23
N ILE A 79 15.94 1.17 13.81
CA ILE A 79 15.93 -0.12 13.14
C ILE A 79 15.90 0.12 11.63
N SER A 80 16.77 -0.59 10.92
CA SER A 80 16.93 -0.38 9.47
C SER A 80 16.37 -1.56 8.72
N ILE A 81 15.52 -1.27 7.74
CA ILE A 81 15.07 -2.27 6.77
C ILE A 81 15.59 -1.82 5.42
N CYS A 82 16.40 -2.66 4.78
CA CYS A 82 16.90 -2.33 3.45
C CYS A 82 16.16 -3.11 2.40
N MET A 83 15.68 -2.41 1.38
CA MET A 83 14.82 -3.03 0.39
C MET A 83 15.11 -2.53 -1.02
N GLU A 84 14.55 -3.24 -1.98
CA GLU A 84 14.55 -2.79 -3.36
C GLU A 84 14.11 -1.34 -3.49
N HIS A 85 14.92 -0.56 -4.19
CA HIS A 85 14.55 0.79 -4.56
C HIS A 85 13.56 0.76 -5.73
N MET A 86 12.36 1.29 -5.54
CA MET A 86 11.40 1.38 -6.63
C MET A 86 11.44 2.79 -7.25
N ASP A 87 11.97 2.87 -8.46
CA ASP A 87 12.28 4.16 -9.06
C ASP A 87 11.04 4.92 -9.55
N GLY A 88 9.87 4.31 -9.43
CA GLY A 88 8.61 4.94 -9.76
C GLY A 88 7.97 5.62 -8.54
N GLY A 89 8.42 5.21 -7.36
CA GLY A 89 7.85 5.71 -6.12
C GLY A 89 6.55 5.00 -5.75
N SER A 90 5.80 5.63 -4.85
CA SER A 90 4.54 5.08 -4.36
C SER A 90 3.39 5.67 -5.16
N LEU A 91 2.25 5.00 -5.10
CA LEU A 91 1.10 5.40 -5.88
C LEU A 91 0.49 6.72 -5.45
N ASP A 92 0.67 7.12 -4.19
CA ASP A 92 0.15 8.42 -3.74
C ASP A 92 0.89 9.55 -4.44
N GLN A 93 2.19 9.34 -4.67
CA GLN A 93 3.01 10.26 -5.46
C GLN A 93 2.53 10.35 -6.91
N VAL A 94 2.39 9.21 -7.59
CA VAL A 94 1.95 9.23 -8.99
C VAL A 94 0.53 9.81 -9.11
N LEU A 95 -0.29 9.57 -8.10
CA LEU A 95 -1.62 10.14 -8.06
C LEU A 95 -1.59 11.67 -8.08
N LYS A 96 -0.66 12.28 -7.33
CA LYS A 96 -0.50 13.74 -7.35
C LYS A 96 -0.27 14.28 -8.76
N LYS A 97 0.77 13.80 -9.42
CA LYS A 97 1.09 14.22 -10.78
C LYS A 97 0.01 13.83 -11.81
N ALA A 98 -0.63 12.69 -11.59
CA ALA A 98 -1.61 12.17 -12.56
C ALA A 98 -2.95 12.86 -12.47
N GLY A 99 -3.30 13.34 -11.28
CA GLY A 99 -4.62 13.88 -11.02
C GLY A 99 -5.61 12.76 -10.75
N ARG A 100 -5.77 11.88 -11.74
CA ARG A 100 -6.58 10.66 -11.61
C ARG A 100 -5.84 9.54 -12.31
N ILE A 101 -6.07 8.31 -11.88
CA ILE A 101 -5.47 7.18 -12.55
C ILE A 101 -6.53 6.46 -13.36
N PRO A 102 -6.26 6.28 -14.65
CA PRO A 102 -7.18 5.62 -15.57
C PRO A 102 -7.61 4.26 -15.05
N GLU A 103 -8.85 3.88 -15.32
CA GLU A 103 -9.42 2.64 -14.85
C GLU A 103 -8.64 1.42 -15.32
N GLN A 104 -8.09 1.49 -16.53
CA GLN A 104 -7.37 0.35 -17.07
C GLN A 104 -6.07 0.14 -16.30
N ILE A 105 -5.46 1.24 -15.90
CA ILE A 105 -4.26 1.18 -15.09
C ILE A 105 -4.60 0.60 -13.73
N LEU A 106 -5.64 1.15 -13.11
CA LEU A 106 -6.11 0.61 -11.85
C LEU A 106 -6.47 -0.87 -11.96
N GLY A 107 -6.70 -1.35 -13.18
CA GLY A 107 -6.97 -2.75 -13.37
C GLY A 107 -5.72 -3.53 -13.05
N LYS A 108 -4.60 -3.02 -13.55
CA LYS A 108 -3.33 -3.69 -13.35
C LYS A 108 -2.92 -3.63 -11.88
N VAL A 109 -3.14 -2.47 -11.26
CA VAL A 109 -2.85 -2.30 -9.86
C VAL A 109 -3.63 -3.30 -9.01
N SER A 110 -4.93 -3.39 -9.26
CA SER A 110 -5.79 -4.33 -8.54
C SER A 110 -5.27 -5.75 -8.60
N ILE A 111 -4.91 -6.20 -9.80
CA ILE A 111 -4.32 -7.52 -9.98
C ILE A 111 -3.11 -7.69 -9.08
N ALA A 112 -2.17 -6.74 -9.16
CA ALA A 112 -0.97 -6.79 -8.31
C ALA A 112 -1.29 -6.84 -6.80
N VAL A 113 -2.20 -6.00 -6.33
CA VAL A 113 -2.47 -5.98 -4.91
C VAL A 113 -3.05 -7.32 -4.45
N ILE A 114 -3.97 -7.84 -5.24
CA ILE A 114 -4.62 -9.11 -4.95
C ILE A 114 -3.63 -10.28 -4.93
N LYS A 115 -2.77 -10.36 -5.94
CA LYS A 115 -1.78 -11.42 -6.00
C LYS A 115 -0.75 -11.29 -4.87
N GLY A 116 -0.41 -10.05 -4.53
CA GLY A 116 0.49 -9.79 -3.41
C GLY A 116 -0.09 -10.21 -2.07
N LEU A 117 -1.35 -9.87 -1.83
CA LEU A 117 -1.99 -10.23 -0.58
C LEU A 117 -2.07 -11.74 -0.48
N THR A 118 -2.48 -12.35 -1.59
CA THR A 118 -2.66 -13.79 -1.72
C THR A 118 -1.32 -14.48 -1.47
N TYR A 119 -0.26 -13.90 -2.02
CA TYR A 119 1.02 -14.49 -1.83
C TYR A 119 1.39 -14.48 -0.35
N LEU A 120 1.24 -13.33 0.32
CA LEU A 120 1.64 -13.21 1.71
C LEU A 120 0.77 -14.11 2.56
N ARG A 121 -0.49 -14.27 2.17
CA ARG A 121 -1.44 -15.08 2.92
C ARG A 121 -1.18 -16.58 2.70
N GLU A 122 -1.15 -17.02 1.44
CA GLU A 122 -0.96 -18.43 1.14
C GLU A 122 0.43 -18.94 1.53
N LYS A 123 1.46 -18.14 1.33
CA LYS A 123 2.85 -18.60 1.51
C LYS A 123 3.44 -18.26 2.88
N HIS A 124 2.83 -17.30 3.59
CA HIS A 124 3.41 -16.83 4.85
C HIS A 124 2.40 -16.56 5.96
N LYS A 125 1.12 -16.76 5.69
CA LYS A 125 0.08 -16.51 6.69
C LYS A 125 0.23 -15.11 7.29
N ILE A 126 0.49 -14.13 6.43
CA ILE A 126 0.68 -12.74 6.81
C ILE A 126 -0.43 -11.91 6.18
N MET A 127 -1.03 -11.04 6.98
CA MET A 127 -1.92 -10.03 6.41
C MET A 127 -1.18 -8.72 6.25
N HIS A 128 -1.60 -7.90 5.29
CA HIS A 128 -0.89 -6.66 5.06
C HIS A 128 -0.93 -5.72 6.28
N ARG A 129 -2.15 -5.42 6.73
CA ARG A 129 -2.41 -4.51 7.87
C ARG A 129 -2.35 -3.04 7.52
N ASP A 130 -1.84 -2.70 6.34
CA ASP A 130 -1.69 -1.30 6.01
C ASP A 130 -1.66 -1.04 4.49
N VAL A 131 -2.75 -1.41 3.84
CA VAL A 131 -2.87 -1.22 2.41
C VAL A 131 -3.39 0.19 2.14
N LYS A 132 -2.66 0.94 1.33
CA LYS A 132 -3.05 2.29 0.89
C LYS A 132 -2.02 2.71 -0.16
N PRO A 133 -2.30 3.79 -0.90
CA PRO A 133 -1.41 4.18 -2.02
C PRO A 133 0.09 4.34 -1.72
N SER A 134 0.48 4.80 -0.54
CA SER A 134 1.92 5.00 -0.29
C SER A 134 2.67 3.68 -0.02
N ASN A 135 1.92 2.60 0.23
CA ASN A 135 2.52 1.29 0.42
C ASN A 135 2.36 0.40 -0.80
N ILE A 136 1.97 1.00 -1.93
CA ILE A 136 2.06 0.33 -3.23
C ILE A 136 3.10 1.05 -4.08
N LEU A 137 4.23 0.38 -4.35
CA LEU A 137 5.32 1.00 -5.07
C LEU A 137 5.39 0.54 -6.55
N VAL A 138 5.95 1.36 -7.43
CA VAL A 138 6.00 1.03 -8.85
C VAL A 138 7.39 1.35 -9.41
N ASN A 139 7.75 0.78 -10.55
CA ASN A 139 9.02 1.10 -11.18
C ASN A 139 8.93 1.20 -12.69
N SER A 140 10.02 1.59 -13.33
CA SER A 140 10.05 1.83 -14.78
C SER A 140 9.98 0.56 -15.64
N ARG A 141 10.07 -0.62 -15.02
CA ARG A 141 9.80 -1.85 -15.74
C ARG A 141 8.30 -2.17 -15.68
N GLY A 142 7.52 -1.32 -15.01
CA GLY A 142 6.09 -1.48 -14.96
C GLY A 142 5.63 -2.48 -13.92
N GLU A 143 6.47 -2.75 -12.93
CA GLU A 143 6.10 -3.63 -11.84
C GLU A 143 5.39 -2.85 -10.72
N ILE A 144 4.44 -3.52 -10.09
CA ILE A 144 3.62 -2.95 -9.03
C ILE A 144 3.76 -3.87 -7.83
N LYS A 145 4.32 -3.37 -6.72
CA LYS A 145 4.62 -4.23 -5.58
C LYS A 145 4.19 -3.64 -4.25
N LEU A 146 3.85 -4.51 -3.29
CA LEU A 146 3.47 -4.08 -1.93
C LEU A 146 4.69 -4.01 -1.02
N CYS A 147 4.65 -3.13 -0.02
CA CYS A 147 5.70 -3.07 1.02
C CYS A 147 5.00 -2.78 2.34
N ASP A 148 5.79 -2.66 3.40
CA ASP A 148 5.28 -2.18 4.67
C ASP A 148 4.12 -3.03 5.22
N PHE A 149 4.17 -4.34 5.00
CA PHE A 149 3.19 -5.29 5.54
C PHE A 149 3.67 -5.89 6.87
N GLY A 150 2.77 -6.51 7.62
CA GLY A 150 3.07 -6.88 8.98
C GLY A 150 3.74 -8.22 9.18
N VAL A 151 5.03 -8.32 8.82
CA VAL A 151 5.80 -9.54 9.07
C VAL A 151 6.24 -9.66 10.51
N SER A 152 6.53 -8.54 11.17
CA SER A 152 7.03 -8.65 12.53
C SER A 152 5.99 -8.23 13.54
N GLY A 153 5.49 -9.20 14.31
CA GLY A 153 4.48 -8.92 15.32
C GLY A 153 4.99 -7.87 16.28
N GLN A 154 6.23 -8.06 16.69
CA GLN A 154 6.78 -7.22 17.72
C GLN A 154 6.99 -5.80 17.21
N LEU A 155 7.31 -5.65 15.92
CA LEU A 155 7.55 -4.32 15.38
C LEU A 155 6.25 -3.53 15.41
N ILE A 156 5.17 -4.20 15.02
CA ILE A 156 3.84 -3.63 15.10
C ILE A 156 3.60 -3.11 16.52
N ASP A 157 3.74 -4.00 17.52
CA ASP A 157 3.58 -3.62 18.92
C ASP A 157 4.39 -2.39 19.30
N SER A 158 5.66 -2.34 18.91
CA SER A 158 6.53 -1.24 19.32
C SER A 158 6.18 0.08 18.67
N MET A 159 5.32 0.04 17.67
CA MET A 159 4.92 1.26 16.99
C MET A 159 3.50 1.74 17.37
N ALA A 160 2.69 0.85 17.95
CA ALA A 160 1.30 1.19 18.27
C ALA A 160 1.15 2.37 19.21
N VAL A 164 -1.55 8.34 14.04
CA VAL A 164 -2.37 7.54 13.14
C VAL A 164 -2.72 8.31 11.86
N GLY A 165 -2.78 9.63 11.98
CA GLY A 165 -3.04 10.50 10.84
C GLY A 165 -4.40 11.18 10.87
N THR A 166 -4.69 11.93 9.80
CA THR A 166 -5.97 12.63 9.67
C THR A 166 -6.80 12.07 8.50
N ARG A 167 -6.48 10.86 8.08
CA ARG A 167 -7.33 10.10 7.15
C ARG A 167 -7.01 8.61 7.23
N SER A 168 -8.06 7.79 7.36
CA SER A 168 -7.89 6.38 7.64
C SER A 168 -8.25 5.52 6.44
N TYR A 169 -7.48 4.46 6.26
CA TYR A 169 -7.83 3.45 5.29
C TYR A 169 -8.27 2.22 6.06
N MET A 170 -8.56 2.41 7.34
CA MET A 170 -8.96 1.31 8.20
C MET A 170 -10.43 0.96 8.05
N SER A 171 -10.72 -0.34 8.06
CA SER A 171 -12.07 -0.83 7.92
C SER A 171 -12.94 -0.42 9.11
N PRO A 172 -14.27 -0.51 8.95
CA PRO A 172 -15.14 -0.14 10.07
C PRO A 172 -14.89 -1.06 11.25
N GLU A 173 -14.64 -2.34 10.99
CA GLU A 173 -14.46 -3.28 12.09
C GLU A 173 -13.15 -3.07 12.84
N ARG A 174 -12.10 -2.69 12.12
CA ARG A 174 -10.84 -2.42 12.78
C ARG A 174 -10.88 -1.13 13.58
N LEU A 175 -11.66 -0.14 13.11
CA LEU A 175 -11.83 1.10 13.84
C LEU A 175 -12.63 0.88 15.11
N GLN A 176 -13.48 -0.14 15.10
CA GLN A 176 -14.41 -0.36 16.20
C GLN A 176 -13.89 -1.29 17.26
N GLY A 177 -12.80 -1.97 16.96
CA GLY A 177 -12.23 -2.85 17.96
C GLY A 177 -11.19 -3.80 17.46
N THR A 178 -11.10 -4.94 18.14
CA THR A 178 -10.07 -5.93 17.88
C THR A 178 -10.59 -7.03 16.95
N HIS A 179 -11.90 -7.02 16.72
CA HIS A 179 -12.55 -8.02 15.90
C HIS A 179 -12.27 -7.79 14.40
N TYR A 180 -11.03 -8.00 13.96
CA TYR A 180 -10.67 -7.89 12.54
C TYR A 180 -9.67 -8.97 12.12
N SER A 181 -9.41 -9.04 10.82
CA SER A 181 -8.39 -9.92 10.28
C SER A 181 -8.18 -9.62 8.80
N VAL A 182 -7.90 -10.65 8.00
CA VAL A 182 -7.45 -10.44 6.61
C VAL A 182 -8.47 -9.69 5.76
N GLN A 183 -9.75 -9.88 6.08
CA GLN A 183 -10.81 -9.17 5.38
C GLN A 183 -10.59 -7.65 5.39
N SER A 184 -10.10 -7.15 6.51
CA SER A 184 -9.88 -5.71 6.67
C SER A 184 -8.96 -5.10 5.58
N ASP A 185 -8.09 -5.92 4.99
CA ASP A 185 -7.20 -5.46 3.93
C ASP A 185 -7.97 -5.21 2.64
N ILE A 186 -9.04 -5.98 2.44
CA ILE A 186 -9.86 -5.83 1.25
C ILE A 186 -10.43 -4.44 1.24
N TRP A 187 -10.99 -4.05 2.38
CA TRP A 187 -11.56 -2.73 2.52
C TRP A 187 -10.54 -1.67 2.17
N SER A 188 -9.37 -1.76 2.79
CA SER A 188 -8.32 -0.79 2.52
C SER A 188 -8.03 -0.69 1.02
N MET A 189 -7.98 -1.83 0.34
CA MET A 189 -7.74 -1.82 -1.09
C MET A 189 -8.86 -1.08 -1.81
N GLY A 190 -10.09 -1.42 -1.45
CA GLY A 190 -11.25 -0.83 -2.09
C GLY A 190 -11.20 0.67 -1.98
N LEU A 191 -11.02 1.15 -0.75
CA LEU A 191 -10.93 2.57 -0.51
C LEU A 191 -9.77 3.20 -1.27
N SER A 192 -8.63 2.52 -1.32
CA SER A 192 -7.49 3.04 -2.07
C SER A 192 -7.76 3.19 -3.56
N LEU A 193 -8.58 2.29 -4.11
CA LEU A 193 -8.86 2.27 -5.55
C LEU A 193 -9.79 3.40 -6.00
N VAL A 194 -10.88 3.59 -5.25
CA VAL A 194 -11.59 4.87 -5.33
C VAL A 194 -10.52 5.78 -4.78
N GLU A 195 -10.56 7.06 -5.08
CA GLU A 195 -9.48 7.96 -4.64
C GLU A 195 -8.43 8.03 -5.70
N MET A 196 -7.78 6.90 -5.98
CA MET A 196 -6.85 6.86 -7.10
C MET A 196 -7.67 7.09 -8.35
N ALA A 197 -8.83 6.44 -8.42
CA ALA A 197 -9.76 6.61 -9.54
C ALA A 197 -10.34 8.02 -9.62
N VAL A 198 -10.66 8.59 -8.47
CA VAL A 198 -11.42 9.84 -8.43
C VAL A 198 -10.52 11.07 -8.35
N GLY A 199 -9.40 10.94 -7.66
CA GLY A 199 -8.42 12.01 -7.58
C GLY A 199 -8.30 12.61 -6.20
N ARG A 200 -8.97 12.01 -5.22
CA ARG A 200 -8.87 12.47 -3.83
C ARG A 200 -9.50 11.50 -2.84
N TYR A 201 -8.99 11.51 -1.62
CA TYR A 201 -9.57 10.71 -0.54
C TYR A 201 -11.09 10.88 -0.54
N PRO A 202 -11.80 9.76 -0.80
CA PRO A 202 -13.23 9.72 -1.14
C PRO A 202 -14.18 9.88 0.06
N ILE A 203 -13.66 10.29 1.20
CA ILE A 203 -14.53 10.59 2.34
C ILE A 203 -14.26 12.01 2.84
N PRO A 204 -15.31 12.83 2.94
CA PRO A 204 -16.67 12.44 2.57
C PRO A 204 -16.84 12.41 1.05
N PRO A 205 -17.92 11.78 0.57
CA PRO A 205 -18.17 11.67 -0.87
C PRO A 205 -18.49 13.04 -1.48
N PRO A 206 -18.08 13.24 -2.73
CA PRO A 206 -18.25 14.51 -3.47
C PRO A 206 -19.71 14.84 -3.74
N ASP A 207 -20.09 16.12 -3.64
CA ASP A 207 -21.42 16.56 -4.05
C ASP A 207 -21.53 16.51 -5.57
N ALA A 208 -22.76 16.52 -6.09
CA ALA A 208 -23.00 16.46 -7.53
C ALA A 208 -22.21 17.54 -8.29
N LYS A 209 -22.06 18.70 -7.66
CA LYS A 209 -21.29 19.81 -8.23
C LYS A 209 -19.80 19.50 -8.29
N GLU A 210 -19.30 18.85 -7.24
CA GLU A 210 -17.90 18.45 -7.17
C GLU A 210 -17.59 17.42 -8.26
N LEU A 211 -18.61 16.65 -8.64
CA LEU A 211 -18.49 15.64 -9.68
C LEU A 211 -18.38 16.26 -11.07
N GLU A 212 -19.25 17.21 -11.37
CA GLU A 212 -19.27 17.87 -12.68
C GLU A 212 -17.91 18.53 -12.97
N LEU A 213 -17.32 19.12 -11.94
CA LEU A 213 -16.02 19.79 -12.04
C LEU A 213 -14.88 18.82 -12.39
N MET A 214 -14.79 17.71 -11.66
CA MET A 214 -13.81 16.67 -11.96
C MET A 214 -14.05 16.01 -13.31
N PHE A 215 -15.31 15.71 -13.61
CA PHE A 215 -15.68 15.04 -14.86
C PHE A 215 -16.62 15.90 -15.72
N PRO A 246 -13.80 22.47 4.38
CA PRO A 246 -12.57 22.32 5.17
C PRO A 246 -12.25 20.85 5.39
N PRO A 247 -10.99 20.51 5.73
CA PRO A 247 -10.66 19.12 6.07
C PRO A 247 -11.54 18.62 7.22
N MET A 248 -11.94 17.35 7.18
CA MET A 248 -12.88 16.79 8.15
C MET A 248 -12.19 16.49 9.49
N ALA A 249 -12.86 16.77 10.60
CA ALA A 249 -12.26 16.48 11.89
C ALA A 249 -12.23 14.98 12.17
N ILE A 250 -11.31 14.58 13.02
CA ILE A 250 -10.98 13.19 13.29
C ILE A 250 -12.19 12.32 13.58
N PHE A 251 -12.96 12.72 14.59
CA PHE A 251 -14.14 11.97 14.93
C PHE A 251 -15.17 11.95 13.79
N GLU A 252 -15.37 13.09 13.13
CA GLU A 252 -16.36 13.16 12.08
C GLU A 252 -16.02 12.19 10.95
N LEU A 253 -14.74 11.99 10.72
CA LEU A 253 -14.32 11.12 9.64
C LEU A 253 -14.47 9.66 10.03
N LEU A 254 -14.04 9.34 11.26
CA LEU A 254 -14.15 7.98 11.76
C LEU A 254 -15.60 7.59 11.86
N ASP A 255 -16.40 8.52 12.38
CA ASP A 255 -17.83 8.28 12.54
C ASP A 255 -18.51 8.05 11.20
N TYR A 256 -18.00 8.69 10.16
CA TYR A 256 -18.59 8.50 8.83
C TYR A 256 -18.29 7.09 8.34
N ILE A 257 -17.01 6.74 8.28
CA ILE A 257 -16.56 5.41 7.90
C ILE A 257 -17.41 4.32 8.56
N VAL A 258 -17.67 4.49 9.86
CA VAL A 258 -18.29 3.46 10.67
C VAL A 258 -19.80 3.34 10.52
N ASN A 259 -20.47 4.48 10.33
CA ASN A 259 -21.92 4.57 10.46
C ASN A 259 -22.66 5.03 9.21
N GLU A 260 -21.92 5.63 8.28
CA GLU A 260 -22.53 6.12 7.06
C GLU A 260 -22.28 5.09 5.95
N PRO A 261 -23.19 5.05 4.97
CA PRO A 261 -22.99 4.17 3.81
C PRO A 261 -21.60 4.38 3.22
N PRO A 262 -20.96 3.28 2.78
CA PRO A 262 -19.62 3.31 2.18
C PRO A 262 -19.58 4.06 0.86
N PRO A 263 -18.37 4.49 0.48
CA PRO A 263 -18.11 5.22 -0.78
C PRO A 263 -18.32 4.36 -2.03
N LYS A 264 -18.68 5.03 -3.12
CA LYS A 264 -19.03 4.38 -4.37
C LYS A 264 -18.28 5.10 -5.47
N LEU A 265 -17.94 4.39 -6.54
CA LEU A 265 -17.53 5.06 -7.76
C LEU A 265 -18.77 5.78 -8.35
N PRO A 266 -18.58 7.01 -8.86
CA PRO A 266 -19.69 7.72 -9.52
C PRO A 266 -20.10 6.95 -10.75
N SER A 267 -21.34 7.07 -11.19
CA SER A 267 -21.76 6.31 -12.36
C SER A 267 -21.38 7.00 -13.66
N GLY A 268 -21.56 6.28 -14.77
CA GLY A 268 -21.29 6.82 -16.10
C GLY A 268 -19.83 6.81 -16.51
N VAL A 269 -18.96 7.27 -15.62
CA VAL A 269 -17.54 7.46 -15.91
C VAL A 269 -16.69 6.19 -15.72
N PHE A 270 -17.27 5.17 -15.08
CA PHE A 270 -16.57 3.92 -14.87
C PHE A 270 -17.44 2.75 -15.26
N SER A 271 -16.82 1.70 -15.79
CA SER A 271 -17.52 0.49 -16.19
C SER A 271 -18.32 -0.08 -15.02
N LEU A 272 -19.44 -0.73 -15.33
CA LEU A 272 -20.25 -1.37 -14.31
C LEU A 272 -19.43 -2.39 -13.53
N GLU A 273 -18.56 -3.11 -14.25
CA GLU A 273 -17.63 -4.09 -13.65
C GLU A 273 -16.80 -3.53 -12.50
N PHE A 274 -16.06 -2.45 -12.79
CA PHE A 274 -15.25 -1.76 -11.78
C PHE A 274 -16.10 -1.30 -10.58
N GLN A 275 -17.26 -0.70 -10.86
CA GLN A 275 -18.17 -0.32 -9.82
C GLN A 275 -18.50 -1.49 -8.89
N ASP A 276 -18.90 -2.62 -9.46
CA ASP A 276 -19.25 -3.77 -8.65
C ASP A 276 -18.03 -4.24 -7.85
N PHE A 277 -16.88 -4.28 -8.51
CA PHE A 277 -15.64 -4.68 -7.88
C PHE A 277 -15.37 -3.92 -6.56
N VAL A 278 -15.41 -2.60 -6.57
CA VAL A 278 -15.18 -1.88 -5.34
C VAL A 278 -16.34 -2.00 -4.36
N ASN A 279 -17.57 -2.02 -4.86
CA ASN A 279 -18.71 -2.20 -3.96
C ASN A 279 -18.56 -3.49 -3.15
N LYS A 280 -17.97 -4.51 -3.78
CA LYS A 280 -17.76 -5.77 -3.10
C LYS A 280 -16.67 -5.67 -2.04
N CYS A 281 -15.70 -4.78 -2.27
CA CYS A 281 -14.56 -4.60 -1.37
C CYS A 281 -14.97 -3.77 -0.19
N LEU A 282 -16.01 -2.98 -0.40
CA LEU A 282 -16.34 -1.93 0.56
C LEU A 282 -17.61 -2.23 1.31
N ILE A 283 -18.05 -3.49 1.29
CA ILE A 283 -19.16 -3.92 2.14
C ILE A 283 -18.71 -3.80 3.59
N LYS A 284 -19.56 -3.20 4.44
CA LYS A 284 -19.19 -2.96 5.83
C LYS A 284 -19.01 -4.24 6.62
N ASN A 285 -19.96 -5.17 6.47
CA ASN A 285 -19.90 -6.46 7.12
C ASN A 285 -18.76 -7.26 6.48
N PRO A 286 -17.70 -7.52 7.25
CA PRO A 286 -16.51 -8.17 6.67
C PRO A 286 -16.73 -9.63 6.23
N ALA A 287 -17.75 -10.29 6.77
CA ALA A 287 -18.04 -11.65 6.35
C ALA A 287 -18.82 -11.67 5.04
N GLU A 288 -19.52 -10.59 4.73
CA GLU A 288 -20.22 -10.50 3.46
C GLU A 288 -19.35 -9.86 2.36
N ARG A 289 -18.45 -8.97 2.79
CA ARG A 289 -17.38 -8.44 1.95
C ARG A 289 -16.70 -9.55 1.17
N ALA A 290 -16.29 -9.28 -0.06
CA ALA A 290 -15.64 -10.32 -0.87
C ALA A 290 -14.27 -10.67 -0.27
N ASP A 291 -13.80 -11.88 -0.56
CA ASP A 291 -12.46 -12.23 -0.12
C ASP A 291 -11.52 -12.33 -1.32
N LEU A 292 -10.26 -12.67 -1.10
CA LEU A 292 -9.28 -12.69 -2.17
C LEU A 292 -9.69 -13.70 -3.27
N LYS A 293 -10.09 -14.90 -2.85
CA LYS A 293 -10.65 -15.94 -3.71
C LYS A 293 -11.64 -15.36 -4.72
N GLN A 294 -12.63 -14.64 -4.21
CA GLN A 294 -13.73 -14.16 -5.03
C GLN A 294 -13.29 -13.05 -5.96
N LEU A 295 -12.54 -12.09 -5.41
CA LEU A 295 -12.06 -10.96 -6.18
C LEU A 295 -11.19 -11.39 -7.35
N MET A 296 -10.46 -12.47 -7.16
CA MET A 296 -9.54 -12.94 -8.19
C MET A 296 -10.24 -13.43 -9.46
N VAL A 297 -11.48 -13.89 -9.31
CA VAL A 297 -12.26 -14.40 -10.43
C VAL A 297 -13.42 -13.46 -10.76
N HIS A 298 -13.31 -12.21 -10.31
CA HIS A 298 -14.34 -11.19 -10.55
C HIS A 298 -14.27 -10.66 -11.98
N ALA A 299 -15.42 -10.23 -12.51
CA ALA A 299 -15.50 -9.72 -13.88
C ALA A 299 -14.43 -8.69 -14.21
N PHE A 300 -14.22 -7.74 -13.29
CA PHE A 300 -13.28 -6.65 -13.53
C PHE A 300 -11.83 -7.14 -13.71
N ILE A 301 -11.46 -8.19 -12.98
CA ILE A 301 -10.12 -8.76 -13.02
C ILE A 301 -9.90 -9.54 -14.31
N LYS A 302 -10.82 -10.47 -14.57
CA LYS A 302 -10.78 -11.25 -15.80
C LYS A 302 -10.64 -10.30 -16.99
N ARG A 303 -11.49 -9.28 -17.03
CA ARG A 303 -11.39 -8.26 -18.07
C ARG A 303 -10.00 -7.58 -18.07
N SER A 304 -9.49 -7.20 -16.89
CA SER A 304 -8.19 -6.50 -16.86
C SER A 304 -7.03 -7.40 -17.24
N ASP A 305 -7.10 -8.67 -16.86
CA ASP A 305 -6.10 -9.64 -17.24
C ASP A 305 -5.89 -9.68 -18.75
N ALA A 306 -6.99 -9.59 -19.48
CA ALA A 306 -6.94 -9.66 -20.94
C ALA A 306 -6.36 -8.39 -21.54
N GLU A 307 -6.67 -7.25 -20.94
CA GLU A 307 -6.27 -5.95 -21.48
C GLU A 307 -4.76 -5.77 -21.59
N GLU A 308 -4.32 -5.33 -22.76
CA GLU A 308 -2.92 -5.04 -23.02
C GLU A 308 -2.68 -3.58 -22.66
N VAL A 309 -1.95 -3.35 -21.58
CA VAL A 309 -1.70 -2.01 -21.08
C VAL A 309 -0.21 -1.76 -20.96
N ASP A 310 0.26 -0.67 -21.54
CA ASP A 310 1.66 -0.30 -21.38
C ASP A 310 1.82 0.51 -20.10
N PHE A 311 1.77 -0.17 -18.96
CA PHE A 311 1.89 0.50 -17.67
C PHE A 311 3.22 1.23 -17.55
N ALA A 312 4.30 0.54 -17.89
CA ALA A 312 5.62 1.15 -17.86
C ALA A 312 5.62 2.48 -18.62
N GLY A 313 5.04 2.47 -19.82
CA GLY A 313 4.93 3.66 -20.64
C GLY A 313 4.08 4.75 -20.01
N TRP A 314 2.93 4.37 -19.46
CA TRP A 314 2.03 5.34 -18.88
C TRP A 314 2.65 5.99 -17.66
N LEU A 315 3.29 5.18 -16.84
CA LEU A 315 3.92 5.64 -15.62
C LEU A 315 5.01 6.67 -15.92
N CYS A 316 5.89 6.32 -16.86
CA CYS A 316 7.00 7.20 -17.19
C CYS A 316 6.53 8.52 -17.81
N SER A 317 5.52 8.46 -18.66
CA SER A 317 4.93 9.65 -19.26
C SER A 317 4.38 10.64 -18.22
N THR A 318 3.64 10.11 -17.25
CA THR A 318 2.97 10.98 -16.29
C THR A 318 3.88 11.51 -15.18
N ILE A 319 4.92 10.77 -14.81
CA ILE A 319 5.85 11.26 -13.78
C ILE A 319 7.21 11.66 -14.34
N GLY A 320 7.33 11.62 -15.67
CA GLY A 320 8.51 12.07 -16.38
C GLY A 320 9.81 11.39 -15.97
N LEU A 321 10.00 10.14 -16.38
CA LEU A 321 11.21 9.39 -16.02
C LEU A 321 12.01 8.93 -17.25
N ASN A 322 11.69 7.73 -17.73
CA ASN A 322 12.40 7.09 -18.84
C ASN A 322 12.58 8.01 -20.05
#